data_4WPU
#
_entry.id   4WPU
#
_cell.length_a   104.636
_cell.length_b   122.715
_cell.length_c   63.861
_cell.angle_alpha   90.00
_cell.angle_beta   116.61
_cell.angle_gamma   90.00
#
_symmetry.space_group_name_H-M   'C 1 2 1'
#
loop_
_entity.id
_entity.type
_entity.pdbx_description
1 polymer 'Phosphoenolpyruvate carboxykinase [GTP]'
2 non-polymer "GUANOSINE-5'-DIPHOSPHATE"
3 non-polymer GLYCEROL
4 non-polymer PHOSPHOENOLPYRUVATE
5 water water
#
_entity_poly.entity_id   1
_entity_poly.type   'polypeptide(L)'
_entity_poly.pdbx_seq_one_letter_code
;HHHHHHSSGLVPAGSHMTSATIPGLDTAPTNHQGLLSWVEEVAELTQPDRVVFTDGSEEEFQRLCDQLVEAGTFIRLNPE
KHKNSYLALSDPSDVARVASRTYICSAKEIDAGPTNNWMDPGEMRSIMKDLYRGCMRGRTMYVVPFCMGPLGAEDPKLGV
EITDSEYVVVSMRTMTRMGKAALEKMGDDGFFVKALHSVGAPLEPGQKDVAWPCSETKYITHFPETREIWSYGSGYGGNA
LLGKKCYSLRIASAMAHDEGWLAEHMLILKLISPENKAYYFAAAFPSACGKTNLAMLQPTIPGWRAETLGDDIAWMRFGK
DGRLYAVNPEFGFFGVAPGTNWKSNPNAMRTIAAGNTVFTNVALTDDGDVWWEGLEGDPQHLIDWKGNDWYFRETETNAA
HPNSRYCTPMSQCPILAPEWDDPQGVPISGILFGGRRKTTVPLVTEARDWQHGVFIGATLGSEQTAAAEGKVGNVRRDPM
AMLPFLGYNVGDYFQHWINLGKHADESKLPKVFFVNWFRRGDDGRFLWPGFGENSRVLKWIVDRIEHKAGGATTPIGTVP
AVEDLDLDGLDVDAADVAAALAVDADEWRQELPLIEEWLQFVGEKLPTGVKDEFDALKERLG
;
_entity_poly.pdbx_strand_id   A
#
# COMPACT_ATOMS: atom_id res chain seq x y z
N SER A 15 -15.40 -19.13 35.14
CA SER A 15 -16.16 -18.77 33.92
C SER A 15 -15.40 -18.89 32.59
N HIS A 16 -14.16 -19.35 32.62
CA HIS A 16 -13.45 -19.67 31.38
C HIS A 16 -14.23 -20.71 30.59
N MET A 17 -14.56 -20.40 29.33
CA MET A 17 -15.41 -21.27 28.53
C MET A 17 -14.62 -22.14 27.56
N THR A 18 -14.98 -23.41 27.51
CA THR A 18 -14.29 -24.34 26.63
C THR A 18 -14.76 -24.17 25.19
N SER A 19 -13.94 -24.66 24.27
CA SER A 19 -14.25 -24.85 22.84
C SER A 19 -15.73 -24.80 22.43
N ALA A 20 -16.36 -25.97 22.50
CA ALA A 20 -17.70 -26.15 21.97
C ALA A 20 -18.83 -25.67 22.88
N THR A 21 -18.57 -24.66 23.70
CA THR A 21 -19.66 -24.03 24.44
C THR A 21 -19.65 -22.53 24.22
N ILE A 22 -18.65 -22.05 23.51
CA ILE A 22 -18.62 -20.65 23.12
C ILE A 22 -19.67 -20.47 22.04
N PRO A 23 -20.60 -19.52 22.25
CA PRO A 23 -21.67 -19.31 21.27
C PRO A 23 -21.14 -18.96 19.88
N GLY A 24 -21.73 -19.60 18.87
CA GLY A 24 -21.35 -19.36 17.50
C GLY A 24 -20.38 -20.41 16.99
N LEU A 25 -19.79 -21.16 17.91
CA LEU A 25 -18.85 -22.20 17.51
C LEU A 25 -19.56 -23.49 17.09
N ASP A 26 -20.71 -23.75 17.70
CA ASP A 26 -21.52 -24.92 17.34
C ASP A 26 -22.09 -24.82 15.93
N THR A 27 -22.31 -23.58 15.46
CA THR A 27 -22.86 -23.34 14.13
C THR A 27 -21.79 -22.94 13.10
N ALA A 28 -20.53 -23.11 13.46
CA ALA A 28 -19.42 -22.76 12.56
C ALA A 28 -19.39 -23.65 11.32
N PRO A 29 -18.96 -23.08 10.18
CA PRO A 29 -18.70 -23.88 8.98
C PRO A 29 -17.57 -24.91 9.23
N THR A 30 -17.79 -26.16 8.82
CA THR A 30 -16.88 -27.27 9.17
C THR A 30 -16.19 -27.92 7.96
N ASN A 31 -16.44 -27.40 6.77
CA ASN A 31 -15.84 -27.96 5.57
C ASN A 31 -14.31 -27.89 5.60
N HIS A 32 -13.78 -26.85 6.25
CA HIS A 32 -12.34 -26.73 6.41
C HIS A 32 -11.97 -26.91 7.88
N GLN A 33 -11.42 -28.08 8.19
CA GLN A 33 -11.11 -28.48 9.55
C GLN A 33 -9.90 -27.78 10.14
N GLY A 34 -8.91 -27.49 9.30
CA GLY A 34 -7.76 -26.73 9.72
C GLY A 34 -8.18 -25.37 10.26
N LEU A 35 -9.04 -24.68 9.50
CA LEU A 35 -9.59 -23.38 9.90
C LEU A 35 -10.36 -23.49 11.21
N LEU A 36 -11.25 -24.47 11.26
CA LEU A 36 -12.10 -24.68 12.42
C LEU A 36 -11.29 -24.99 13.68
N SER A 37 -10.28 -25.85 13.54
CA SER A 37 -9.38 -26.14 14.67
C SER A 37 -8.64 -24.90 15.12
N TRP A 38 -8.18 -24.10 14.15
CA TRP A 38 -7.46 -22.87 14.47
C TRP A 38 -8.35 -21.89 15.24
N VAL A 39 -9.56 -21.63 14.71
CA VAL A 39 -10.55 -20.77 15.36
C VAL A 39 -10.84 -21.18 16.80
N GLU A 40 -11.07 -22.48 16.98
CA GLU A 40 -11.36 -23.04 18.30
C GLU A 40 -10.20 -22.88 19.27
N GLU A 41 -9.00 -23.11 18.77
CA GLU A 41 -7.80 -22.91 19.57
C GLU A 41 -7.63 -21.45 19.97
N VAL A 42 -7.81 -20.55 19.00
CA VAL A 42 -7.75 -19.12 19.28
C VAL A 42 -8.84 -18.69 20.26
N ALA A 43 -10.09 -19.09 20.00
CA ALA A 43 -11.23 -18.73 20.87
C ALA A 43 -11.03 -19.21 22.31
N GLU A 44 -10.49 -20.42 22.45
CA GLU A 44 -10.16 -20.97 23.76
C GLU A 44 -9.17 -20.05 24.48
N LEU A 45 -8.22 -19.49 23.74
CA LEU A 45 -7.20 -18.65 24.33
C LEU A 45 -7.74 -17.26 24.69
N THR A 46 -8.46 -16.63 23.77
CA THR A 46 -8.85 -15.22 23.93
C THR A 46 -10.17 -15.03 24.66
N GLN A 47 -10.94 -16.12 24.79
CA GLN A 47 -12.22 -16.11 25.51
C GLN A 47 -13.22 -15.01 25.14
N PRO A 48 -13.62 -14.94 23.85
CA PRO A 48 -14.63 -13.96 23.45
C PRO A 48 -16.02 -14.40 23.96
N ASP A 49 -16.99 -13.49 23.98
CA ASP A 49 -18.37 -13.88 24.29
C ASP A 49 -18.95 -14.81 23.23
N ARG A 50 -18.54 -14.61 21.98
CA ARG A 50 -19.08 -15.36 20.86
C ARG A 50 -18.22 -15.25 19.60
N VAL A 51 -18.38 -16.21 18.71
CA VAL A 51 -17.62 -16.26 17.49
C VAL A 51 -18.54 -16.10 16.28
N VAL A 52 -18.19 -15.18 15.38
CA VAL A 52 -18.96 -14.94 14.18
C VAL A 52 -18.07 -15.07 12.96
N PHE A 53 -18.49 -15.92 12.02
CA PHE A 53 -17.85 -16.01 10.71
C PHE A 53 -18.53 -15.03 9.77
N THR A 54 -17.76 -14.11 9.20
CA THR A 54 -18.38 -13.10 8.34
C THR A 54 -18.58 -13.62 6.91
N ASP A 55 -19.64 -13.16 6.23
CA ASP A 55 -19.86 -13.63 4.86
C ASP A 55 -19.70 -12.55 3.79
N GLY A 56 -19.47 -11.32 4.22
CA GLY A 56 -19.22 -10.23 3.29
C GLY A 56 -20.45 -9.72 2.55
N SER A 57 -21.62 -10.18 2.96
CA SER A 57 -22.88 -9.76 2.34
C SER A 57 -23.23 -8.31 2.71
N GLU A 58 -24.08 -7.69 1.91
CA GLU A 58 -24.53 -6.33 2.18
CA GLU A 58 -24.54 -6.33 2.18
C GLU A 58 -25.37 -6.24 3.46
N GLU A 59 -26.19 -7.26 3.72
CA GLU A 59 -26.97 -7.24 4.96
C GLU A 59 -26.05 -7.32 6.18
N GLU A 60 -24.97 -8.07 6.08
CA GLU A 60 -24.01 -8.15 7.17
C GLU A 60 -23.34 -6.80 7.35
N PHE A 61 -22.94 -6.19 6.24
CA PHE A 61 -22.29 -4.89 6.25
C PHE A 61 -23.12 -3.83 7.00
N GLN A 62 -24.42 -3.79 6.72
CA GLN A 62 -25.30 -2.82 7.37
C GLN A 62 -25.48 -3.14 8.84
N ARG A 63 -25.63 -4.42 9.15
CA ARG A 63 -25.75 -4.84 10.53
C ARG A 63 -24.54 -4.37 11.36
N LEU A 64 -23.34 -4.57 10.83
CA LEU A 64 -22.12 -4.16 11.53
C LEU A 64 -22.00 -2.65 11.63
N CYS A 65 -22.37 -1.94 10.56
CA CYS A 65 -22.34 -0.48 10.58
C CYS A 65 -23.28 0.09 11.61
N ASP A 66 -24.50 -0.45 11.70
CA ASP A 66 -25.48 -0.03 12.72
C ASP A 66 -24.88 -0.20 14.10
N GLN A 67 -24.29 -1.37 14.35
CA GLN A 67 -23.67 -1.67 15.65
C GLN A 67 -22.52 -0.71 15.92
N LEU A 68 -21.83 -0.28 14.87
CA LEU A 68 -20.75 0.70 15.01
C LEU A 68 -21.28 2.09 15.35
N VAL A 69 -22.39 2.46 14.72
CA VAL A 69 -23.08 3.69 15.08
C VAL A 69 -23.53 3.66 16.56
N GLU A 70 -24.20 2.59 16.97
CA GLU A 70 -24.66 2.45 18.37
C GLU A 70 -23.49 2.57 19.37
N ALA A 71 -22.35 1.96 19.05
CA ALA A 71 -21.19 2.00 19.94
C ALA A 71 -20.49 3.38 19.96
N GLY A 72 -20.90 4.27 19.05
CA GLY A 72 -20.26 5.58 18.94
C GLY A 72 -19.01 5.56 18.07
N THR A 73 -18.61 4.38 17.60
CA THR A 73 -17.42 4.26 16.77
C THR A 73 -17.65 4.97 15.45
N PHE A 74 -18.88 4.87 14.94
CA PHE A 74 -19.27 5.49 13.68
C PHE A 74 -20.35 6.56 13.87
N ILE A 75 -20.27 7.65 13.12
CA ILE A 75 -21.45 8.47 12.89
C ILE A 75 -21.79 8.40 11.41
N ARG A 76 -23.08 8.31 11.10
CA ARG A 76 -23.54 8.21 9.71
C ARG A 76 -23.49 9.57 9.03
N LEU A 77 -22.82 9.65 7.90
CA LEU A 77 -22.70 10.90 7.17
C LEU A 77 -23.97 11.17 6.40
N ASN A 78 -24.24 12.44 6.16
CA ASN A 78 -25.37 12.87 5.35
C ASN A 78 -25.39 12.08 4.04
N PRO A 79 -26.41 11.24 3.84
CA PRO A 79 -26.49 10.40 2.64
C PRO A 79 -26.70 11.20 1.35
N GLU A 80 -27.17 12.45 1.46
CA GLU A 80 -27.30 13.30 0.27
C GLU A 80 -25.95 13.68 -0.33
N LYS A 81 -24.91 13.60 0.49
CA LYS A 81 -23.55 13.96 0.06
C LYS A 81 -22.62 12.75 -0.06
N HIS A 82 -22.76 11.78 0.85
CA HIS A 82 -22.06 10.51 0.70
C HIS A 82 -23.05 9.44 1.11
N LYS A 83 -23.48 8.63 0.16
CA LYS A 83 -24.40 7.56 0.51
C LYS A 83 -23.64 6.49 1.26
N ASN A 84 -24.31 5.88 2.24
CA ASN A 84 -23.76 4.75 2.96
C ASN A 84 -22.32 5.02 3.44
N SER A 85 -22.12 6.12 4.13
CA SER A 85 -20.78 6.52 4.55
C SER A 85 -20.70 6.89 6.02
N TYR A 86 -19.51 6.72 6.60
CA TYR A 86 -19.34 6.83 8.03
C TYR A 86 -18.04 7.54 8.38
N LEU A 87 -18.07 8.19 9.54
CA LEU A 87 -16.94 8.88 10.11
C LEU A 87 -16.60 8.22 11.43
N ALA A 88 -15.32 7.89 11.62
CA ALA A 88 -14.88 7.29 12.87
C ALA A 88 -13.73 8.12 13.40
N LEU A 89 -13.73 8.37 14.70
CA LEU A 89 -12.65 9.09 15.35
C LEU A 89 -11.95 8.12 16.28
N SER A 90 -10.62 8.00 16.12
CA SER A 90 -9.84 7.09 16.94
C SER A 90 -9.37 7.74 18.24
N ASP A 91 -8.95 6.89 19.18
CA ASP A 91 -8.19 7.32 20.34
C ASP A 91 -6.93 7.99 19.80
N PRO A 92 -6.62 9.22 20.29
CA PRO A 92 -5.48 9.98 19.77
C PRO A 92 -4.14 9.24 19.87
N SER A 93 -4.03 8.30 20.81
CA SER A 93 -2.79 7.52 20.98
C SER A 93 -2.63 6.42 19.92
N ASP A 94 -3.65 6.22 19.08
CA ASP A 94 -3.66 5.14 18.12
C ASP A 94 -3.93 5.68 16.71
N VAL A 95 -3.07 6.56 16.18
CA VAL A 95 -3.42 7.23 14.92
C VAL A 95 -2.65 6.84 13.66
N ALA A 96 -1.75 5.86 13.76
CA ALA A 96 -0.95 5.45 12.60
C ALA A 96 -0.25 4.11 12.80
N ARG A 97 0.37 3.65 11.72
CA ARG A 97 1.22 2.47 11.69
C ARG A 97 2.51 2.74 12.47
N VAL A 98 2.86 1.86 13.43
CA VAL A 98 4.09 2.06 14.23
C VAL A 98 5.28 1.13 13.91
N ALA A 99 6.30 1.71 13.27
CA ALA A 99 7.48 0.99 12.80
C ALA A 99 8.21 0.18 13.87
N SER A 100 8.52 0.85 14.98
CA SER A 100 9.31 0.26 16.07
C SER A 100 8.59 -0.90 16.77
N ARG A 101 7.27 -0.99 16.59
CA ARG A 101 6.50 -2.08 17.17
C ARG A 101 6.25 -3.18 16.14
N THR A 102 6.82 -3.03 14.94
CA THR A 102 6.64 -4.00 13.86
C THR A 102 7.83 -4.94 13.73
N TYR A 103 7.56 -6.24 13.68
CA TYR A 103 8.63 -7.22 13.75
C TYR A 103 8.58 -8.23 12.63
N ILE A 104 9.75 -8.67 12.20
CA ILE A 104 9.85 -9.85 11.35
C ILE A 104 10.55 -10.94 12.14
N CYS A 105 9.81 -11.97 12.50
CA CYS A 105 10.34 -13.00 13.39
C CYS A 105 10.73 -14.29 12.69
N SER A 106 11.59 -14.17 11.68
CA SER A 106 12.19 -15.34 11.06
C SER A 106 13.06 -16.10 12.08
N ALA A 107 13.27 -17.40 11.86
CA ALA A 107 14.10 -18.22 12.77
C ALA A 107 15.50 -17.64 13.02
N LYS A 108 16.10 -17.09 11.97
CA LYS A 108 17.43 -16.50 12.08
C LYS A 108 17.35 -14.99 11.86
N GLU A 109 18.03 -14.24 12.70
CA GLU A 109 18.03 -12.77 12.59
C GLU A 109 18.45 -12.29 11.19
N ILE A 110 19.42 -12.97 10.57
CA ILE A 110 19.94 -12.55 9.26
C ILE A 110 18.83 -12.59 8.19
N ASP A 111 17.86 -13.48 8.38
CA ASP A 111 16.73 -13.57 7.46
C ASP A 111 15.70 -12.46 7.66
N ALA A 112 15.90 -11.61 8.66
CA ALA A 112 15.13 -10.38 8.75
C ALA A 112 15.98 -9.23 8.22
N GLY A 113 17.23 -9.16 8.70
CA GLY A 113 18.22 -8.25 8.13
C GLY A 113 18.05 -6.81 8.60
N PRO A 114 18.97 -5.95 8.16
CA PRO A 114 19.11 -4.59 8.72
C PRO A 114 17.96 -3.60 8.45
N THR A 115 17.02 -3.90 7.56
CA THR A 115 15.85 -3.02 7.37
C THR A 115 14.66 -3.46 8.22
N ASN A 116 14.85 -4.52 8.99
CA ASN A 116 13.75 -5.09 9.75
C ASN A 116 14.03 -5.16 11.24
N ASN A 117 12.95 -5.16 12.04
CA ASN A 117 13.06 -5.40 13.46
C ASN A 117 12.87 -6.89 13.71
N TRP A 118 13.85 -7.49 14.38
CA TRP A 118 13.78 -8.93 14.63
C TRP A 118 13.61 -9.23 16.11
N MET A 119 13.01 -10.38 16.40
CA MET A 119 13.07 -10.99 17.72
C MET A 119 12.96 -12.49 17.48
N ASP A 120 13.62 -13.27 18.33
CA ASP A 120 13.49 -14.72 18.28
C ASP A 120 12.00 -15.08 18.28
N PRO A 121 11.58 -15.94 17.34
CA PRO A 121 10.12 -16.19 17.25
C PRO A 121 9.56 -16.91 18.47
N GLY A 122 10.35 -17.75 19.14
CA GLY A 122 9.90 -18.44 20.33
C GLY A 122 9.65 -17.44 21.45
N GLU A 123 10.56 -16.49 21.58
CA GLU A 123 10.38 -15.39 22.52
C GLU A 123 9.17 -14.50 22.20
N MET A 124 8.97 -14.18 20.91
CA MET A 124 7.82 -13.37 20.52
C MET A 124 6.51 -14.11 20.81
N ARG A 125 6.48 -15.40 20.51
CA ARG A 125 5.30 -16.20 20.77
C ARG A 125 4.97 -16.25 22.25
N SER A 126 6.00 -16.24 23.10
CA SER A 126 5.80 -16.24 24.53
CA SER A 126 5.81 -16.24 24.54
C SER A 126 5.20 -14.93 25.02
N ILE A 127 5.69 -13.82 24.46
CA ILE A 127 5.14 -12.52 24.81
C ILE A 127 3.69 -12.39 24.34
N MET A 128 3.47 -12.67 23.06
CA MET A 128 2.17 -12.40 22.47
C MET A 128 1.09 -13.36 22.95
N LYS A 129 1.42 -14.64 23.07
CA LYS A 129 0.47 -15.61 23.62
C LYS A 129 -0.01 -15.15 25.00
N ASP A 130 0.89 -14.58 25.79
CA ASP A 130 0.50 -14.04 27.10
C ASP A 130 -0.47 -12.87 26.97
N LEU A 131 -0.17 -11.94 26.07
CA LEU A 131 -1.08 -10.83 25.80
C LEU A 131 -2.46 -11.32 25.35
N TYR A 132 -2.46 -12.28 24.43
CA TYR A 132 -3.70 -12.81 23.85
C TYR A 132 -4.64 -13.52 24.85
N ARG A 133 -4.11 -14.06 25.95
CA ARG A 133 -4.94 -14.81 26.89
C ARG A 133 -6.05 -13.95 27.48
N GLY A 134 -7.30 -14.39 27.31
CA GLY A 134 -8.46 -13.61 27.75
C GLY A 134 -8.59 -12.19 27.21
N CYS A 135 -7.93 -11.88 26.09
CA CYS A 135 -7.97 -10.50 25.57
C CYS A 135 -9.32 -10.12 24.94
N MET A 136 -10.12 -11.11 24.59
CA MET A 136 -11.38 -10.82 23.91
C MET A 136 -12.63 -10.94 24.79
N ARG A 137 -12.43 -11.02 26.12
CA ARG A 137 -13.56 -11.16 27.06
C ARG A 137 -14.56 -10.03 26.83
N GLY A 138 -15.84 -10.37 26.78
CA GLY A 138 -16.87 -9.36 26.59
C GLY A 138 -16.95 -8.82 25.17
N ARG A 139 -16.28 -9.50 24.23
CA ARG A 139 -16.29 -9.06 22.84
C ARG A 139 -16.65 -10.18 21.87
N THR A 140 -17.19 -9.81 20.72
CA THR A 140 -17.40 -10.77 19.66
C THR A 140 -16.08 -11.01 18.94
N MET A 141 -15.75 -12.28 18.72
CA MET A 141 -14.61 -12.64 17.89
C MET A 141 -15.05 -12.94 16.46
N TYR A 142 -14.59 -12.12 15.52
CA TYR A 142 -14.92 -12.28 14.10
C TYR A 142 -13.88 -13.11 13.36
N VAL A 143 -14.38 -14.01 12.53
CA VAL A 143 -13.53 -14.83 11.67
C VAL A 143 -13.78 -14.35 10.25
N VAL A 144 -12.79 -13.68 9.68
CA VAL A 144 -12.96 -12.96 8.43
C VAL A 144 -12.15 -13.57 7.28
N PRO A 145 -12.79 -14.43 6.47
CA PRO A 145 -12.13 -15.05 5.32
C PRO A 145 -11.98 -14.05 4.17
N PHE A 146 -10.84 -14.05 3.49
CA PHE A 146 -10.65 -13.09 2.41
C PHE A 146 -9.68 -13.58 1.32
N CYS A 147 -9.86 -13.06 0.12
CA CYS A 147 -9.05 -13.42 -1.03
C CYS A 147 -8.28 -12.20 -1.51
N MET A 148 -6.99 -12.40 -1.76
CA MET A 148 -6.12 -11.35 -2.27
C MET A 148 -6.06 -11.50 -3.79
N GLY A 149 -6.52 -10.47 -4.50
CA GLY A 149 -6.60 -10.55 -5.95
C GLY A 149 -7.95 -11.06 -6.37
N PRO A 150 -8.24 -11.03 -7.69
CA PRO A 150 -9.53 -11.44 -8.25
C PRO A 150 -9.89 -12.88 -7.88
N LEU A 151 -11.17 -13.13 -7.61
CA LEU A 151 -11.65 -14.47 -7.25
CA LEU A 151 -11.62 -14.47 -7.24
C LEU A 151 -11.48 -15.47 -8.38
N GLY A 152 -11.49 -14.96 -9.61
CA GLY A 152 -11.42 -15.82 -10.78
C GLY A 152 -10.21 -16.73 -10.85
N ALA A 153 -9.12 -16.34 -10.19
CA ALA A 153 -7.92 -17.16 -10.22
C ALA A 153 -8.21 -18.57 -9.69
N GLU A 154 -7.44 -19.54 -10.16
CA GLU A 154 -7.66 -20.92 -9.78
C GLU A 154 -7.06 -21.22 -8.42
N ASP A 155 -5.90 -20.61 -8.14
CA ASP A 155 -5.17 -20.84 -6.91
C ASP A 155 -4.79 -19.52 -6.23
N PRO A 156 -5.79 -18.74 -5.83
CA PRO A 156 -5.44 -17.40 -5.31
C PRO A 156 -4.85 -17.48 -3.91
N LYS A 157 -4.24 -16.38 -3.47
CA LYS A 157 -3.72 -16.31 -2.10
C LYS A 157 -4.85 -15.92 -1.16
N LEU A 158 -5.12 -16.78 -0.19
CA LEU A 158 -6.26 -16.58 0.69
C LEU A 158 -5.79 -16.28 2.10
N GLY A 159 -6.68 -15.69 2.90
CA GLY A 159 -6.33 -15.40 4.26
C GLY A 159 -7.58 -15.45 5.11
N VAL A 160 -7.38 -15.56 6.42
CA VAL A 160 -8.45 -15.40 7.39
C VAL A 160 -7.95 -14.49 8.51
N GLU A 161 -8.63 -13.36 8.74
CA GLU A 161 -8.31 -12.50 9.87
C GLU A 161 -9.28 -12.74 11.00
N ILE A 162 -8.73 -13.09 12.14
CA ILE A 162 -9.53 -13.17 13.35
C ILE A 162 -9.33 -11.83 14.03
N THR A 163 -10.43 -11.20 14.44
CA THR A 163 -10.34 -9.89 15.07
C THR A 163 -11.49 -9.68 16.03
N ASP A 164 -11.27 -8.87 17.06
CA ASP A 164 -12.35 -8.45 17.93
C ASP A 164 -12.85 -7.04 17.57
N SER A 165 -12.41 -6.51 16.43
CA SER A 165 -12.83 -5.19 16.03
C SER A 165 -13.81 -5.21 14.86
N GLU A 166 -14.98 -4.66 15.10
CA GLU A 166 -16.02 -4.57 14.09
C GLU A 166 -15.59 -3.54 13.03
N TYR A 167 -14.95 -2.46 13.49
CA TYR A 167 -14.31 -1.49 12.60
C TYR A 167 -13.43 -2.20 11.58
N VAL A 168 -12.60 -3.13 12.06
CA VAL A 168 -11.70 -3.87 11.18
C VAL A 168 -12.48 -4.72 10.17
N VAL A 169 -13.53 -5.38 10.62
CA VAL A 169 -14.35 -6.19 9.72
C VAL A 169 -14.91 -5.37 8.56
N VAL A 170 -15.50 -4.23 8.86
CA VAL A 170 -16.09 -3.39 7.83
C VAL A 170 -15.06 -2.90 6.78
N SER A 171 -13.91 -2.44 7.24
CA SER A 171 -12.86 -1.97 6.35
CA SER A 171 -12.86 -1.97 6.36
C SER A 171 -12.23 -3.11 5.55
N MET A 172 -12.14 -4.28 6.16
CA MET A 172 -11.64 -5.45 5.43
C MET A 172 -12.58 -5.88 4.29
N ARG A 173 -13.87 -5.60 4.46
CA ARG A 173 -14.87 -5.89 3.43
C ARG A 173 -14.61 -5.01 2.22
N THR A 174 -14.24 -3.76 2.46
CA THR A 174 -13.90 -2.83 1.40
C THR A 174 -12.52 -3.11 0.78
N MET A 175 -11.53 -3.37 1.64
CA MET A 175 -10.12 -3.51 1.22
C MET A 175 -9.74 -4.86 0.59
N THR A 176 -10.55 -5.89 0.81
CA THR A 176 -10.30 -7.24 0.26
C THR A 176 -11.57 -7.86 -0.29
N ARG A 177 -11.45 -8.97 -1.02
CA ARG A 177 -12.61 -9.77 -1.37
C ARG A 177 -12.93 -10.70 -0.18
N MET A 178 -13.88 -10.27 0.63
CA MET A 178 -14.13 -10.85 1.94
C MET A 178 -15.40 -11.66 1.97
N GLY A 179 -15.34 -12.78 2.68
CA GLY A 179 -16.55 -13.52 3.04
C GLY A 179 -16.74 -14.88 2.42
N LYS A 180 -17.99 -15.15 2.03
CA LYS A 180 -18.42 -16.45 1.53
C LYS A 180 -17.57 -16.99 0.38
N ALA A 181 -17.37 -16.18 -0.67
CA ALA A 181 -16.56 -16.60 -1.81
C ALA A 181 -15.16 -17.09 -1.43
N ALA A 182 -14.46 -16.29 -0.62
CA ALA A 182 -13.08 -16.65 -0.24
C ALA A 182 -13.09 -17.91 0.62
N LEU A 183 -14.07 -18.02 1.52
CA LEU A 183 -14.24 -19.22 2.31
C LEU A 183 -14.42 -20.47 1.44
N GLU A 184 -15.21 -20.35 0.37
CA GLU A 184 -15.42 -21.48 -0.54
C GLU A 184 -14.15 -21.82 -1.32
N LYS A 185 -13.43 -20.80 -1.74
CA LYS A 185 -12.14 -20.96 -2.41
C LYS A 185 -11.16 -21.80 -1.56
N MET A 186 -11.30 -21.74 -0.24
CA MET A 186 -10.39 -22.48 0.64
CA MET A 186 -10.41 -22.47 0.65
C MET A 186 -10.68 -23.98 0.65
N GLY A 187 -11.85 -24.35 0.14
CA GLY A 187 -12.27 -25.75 0.09
C GLY A 187 -12.11 -26.43 1.43
N ASP A 188 -11.75 -27.71 1.41
CA ASP A 188 -11.65 -28.48 2.65
C ASP A 188 -10.27 -28.44 3.32
N ASP A 189 -9.21 -28.17 2.56
CA ASP A 189 -7.88 -28.18 3.14
C ASP A 189 -6.93 -27.15 2.54
N GLY A 190 -7.50 -26.14 1.88
CA GLY A 190 -6.70 -25.11 1.24
C GLY A 190 -5.82 -24.37 2.23
N PHE A 191 -4.65 -23.93 1.77
CA PHE A 191 -3.77 -23.11 2.57
C PHE A 191 -4.34 -21.70 2.66
N PHE A 192 -4.14 -21.07 3.81
CA PHE A 192 -4.46 -19.65 3.96
C PHE A 192 -3.53 -19.00 4.98
N VAL A 193 -3.30 -17.71 4.86
CA VAL A 193 -2.51 -17.00 5.86
C VAL A 193 -3.33 -16.77 7.13
N LYS A 194 -2.84 -17.29 8.24
CA LYS A 194 -3.45 -17.05 9.54
C LYS A 194 -3.12 -15.64 10.00
N ALA A 195 -4.15 -14.82 10.16
CA ALA A 195 -3.98 -13.44 10.61
C ALA A 195 -4.79 -13.19 11.88
N LEU A 196 -4.08 -12.96 12.99
CA LEU A 196 -4.71 -12.80 14.31
C LEU A 196 -4.60 -11.37 14.82
N HIS A 197 -5.74 -10.82 15.24
CA HIS A 197 -5.76 -9.44 15.71
C HIS A 197 -6.64 -9.19 16.94
N SER A 198 -6.13 -8.42 17.89
CA SER A 198 -6.95 -7.91 18.97
C SER A 198 -6.61 -6.48 19.31
N VAL A 199 -7.62 -5.68 19.61
CA VAL A 199 -7.40 -4.32 20.10
C VAL A 199 -6.84 -4.31 21.55
N GLY A 200 -6.84 -5.46 22.23
CA GLY A 200 -6.29 -5.54 23.57
C GLY A 200 -7.04 -4.78 24.65
N ALA A 201 -8.38 -4.85 24.61
CA ALA A 201 -9.20 -4.16 25.60
C ALA A 201 -10.36 -5.03 26.07
N PRO A 202 -10.06 -6.11 26.81
CA PRO A 202 -11.13 -7.00 27.30
C PRO A 202 -12.13 -6.23 28.16
N LEU A 203 -13.38 -6.67 28.14
CA LEU A 203 -14.46 -6.04 28.90
C LEU A 203 -15.03 -7.00 29.93
N GLU A 204 -15.38 -6.46 31.10
CA GLU A 204 -16.13 -7.19 32.11
C GLU A 204 -17.61 -7.18 31.71
N PRO A 205 -18.39 -8.15 32.19
CA PRO A 205 -19.83 -8.14 31.91
C PRO A 205 -20.48 -6.82 32.34
N GLY A 206 -21.25 -6.22 31.43
CA GLY A 206 -21.97 -4.99 31.74
C GLY A 206 -21.14 -3.72 31.70
N GLN A 207 -19.86 -3.84 31.41
CA GLN A 207 -18.99 -2.66 31.38
C GLN A 207 -19.14 -1.85 30.08
N LYS A 208 -19.19 -0.54 30.23
CA LYS A 208 -19.32 0.39 29.11
C LYS A 208 -18.04 0.48 28.25
N ASP A 209 -18.13 0.04 26.99
CA ASP A 209 -17.01 0.15 26.04
C ASP A 209 -16.73 1.60 25.67
N VAL A 210 -15.59 1.87 25.03
CA VAL A 210 -15.36 3.17 24.39
C VAL A 210 -15.54 3.03 22.87
N ALA A 211 -15.60 4.16 22.15
CA ALA A 211 -15.81 4.11 20.70
C ALA A 211 -14.65 3.44 19.96
N TRP A 212 -13.42 3.75 20.40
CA TRP A 212 -12.23 3.20 19.79
C TRP A 212 -11.34 2.56 20.85
N PRO A 213 -11.57 1.27 21.13
CA PRO A 213 -10.70 0.56 22.08
C PRO A 213 -9.34 0.25 21.47
N CYS A 214 -8.32 0.21 22.33
CA CYS A 214 -6.94 -0.09 21.95
C CYS A 214 -6.12 -0.28 23.21
N SER A 215 -4.82 -0.53 23.06
CA SER A 215 -3.96 -0.75 24.20
C SER A 215 -2.65 0.02 24.07
N GLU A 216 -2.04 0.34 25.21
CA GLU A 216 -0.72 0.98 25.21
C GLU A 216 0.34 -0.01 24.74
N THR A 217 0.04 -1.30 24.86
CA THR A 217 0.96 -2.35 24.43
C THR A 217 0.59 -2.79 23.01
N LYS A 218 1.52 -2.60 22.08
CA LYS A 218 1.27 -2.84 20.66
C LYS A 218 2.35 -3.73 20.04
N TYR A 219 1.92 -4.74 19.29
CA TYR A 219 2.84 -5.53 18.48
C TYR A 219 2.22 -5.75 17.11
N ILE A 220 3.05 -5.75 16.08
CA ILE A 220 2.62 -6.14 14.73
C ILE A 220 3.72 -7.03 14.19
N THR A 221 3.46 -8.34 14.23
CA THR A 221 4.49 -9.36 14.12
C THR A 221 4.18 -10.31 12.98
N HIS A 222 5.20 -10.70 12.23
CA HIS A 222 5.04 -11.59 11.08
C HIS A 222 5.96 -12.79 11.27
N PHE A 223 5.45 -13.98 10.98
CA PHE A 223 6.27 -15.19 11.00
C PHE A 223 6.37 -15.66 9.55
N PRO A 224 7.47 -15.30 8.86
CA PRO A 224 7.56 -15.55 7.42
C PRO A 224 7.47 -17.02 7.03
N GLU A 225 8.14 -17.90 7.78
CA GLU A 225 8.13 -19.33 7.48
C GLU A 225 6.72 -19.93 7.43
N THR A 226 5.88 -19.59 8.41
CA THR A 226 4.54 -20.15 8.48
C THR A 226 3.48 -19.25 7.83
N ARG A 227 3.93 -18.11 7.30
CA ARG A 227 3.05 -17.10 6.70
C ARG A 227 1.99 -16.63 7.69
N GLU A 228 2.41 -16.31 8.91
CA GLU A 228 1.45 -15.86 9.92
C GLU A 228 1.65 -14.41 10.29
N ILE A 229 0.55 -13.77 10.66
CA ILE A 229 0.58 -12.39 11.12
C ILE A 229 -0.13 -12.29 12.47
N TRP A 230 0.58 -11.80 13.48
CA TRP A 230 -0.02 -11.59 14.80
C TRP A 230 0.02 -10.10 15.14
N SER A 231 -1.16 -9.52 15.38
CA SER A 231 -1.24 -8.10 15.73
C SER A 231 -2.00 -7.89 17.05
N TYR A 232 -1.54 -6.94 17.87
CA TYR A 232 -2.16 -6.67 19.17
C TYR A 232 -2.00 -5.21 19.58
N GLY A 233 -3.09 -4.62 20.06
CA GLY A 233 -3.04 -3.34 20.75
C GLY A 233 -3.54 -2.15 19.95
N SER A 234 -3.57 -2.29 18.63
CA SER A 234 -3.96 -1.18 17.76
C SER A 234 -5.15 -1.55 16.88
N GLY A 235 -6.08 -0.62 16.73
CA GLY A 235 -7.20 -0.86 15.85
C GLY A 235 -7.05 -0.11 14.54
N TYR A 236 -5.88 0.49 14.32
CA TYR A 236 -5.70 1.45 13.23
C TYR A 236 -4.97 0.94 11.99
N GLY A 237 -5.55 1.24 10.83
CA GLY A 237 -4.88 1.14 9.55
C GLY A 237 -4.13 -0.12 9.23
N GLY A 238 -2.86 0.06 8.85
CA GLY A 238 -1.99 -1.07 8.52
C GLY A 238 -1.67 -1.98 9.70
N ASN A 239 -1.92 -1.51 10.93
CA ASN A 239 -1.70 -2.33 12.11
C ASN A 239 -2.78 -3.38 12.25
N ALA A 240 -3.97 -3.06 11.72
CA ALA A 240 -5.17 -3.84 12.02
C ALA A 240 -5.89 -4.40 10.79
N LEU A 241 -5.83 -3.67 9.69
CA LEU A 241 -6.31 -4.19 8.41
C LEU A 241 -5.18 -5.02 7.84
N LEU A 242 -5.20 -6.30 8.15
CA LEU A 242 -4.03 -7.16 7.93
C LEU A 242 -3.76 -7.49 6.46
N GLY A 243 -4.72 -7.25 5.57
CA GLY A 243 -4.43 -7.31 4.15
C GLY A 243 -3.50 -6.19 3.66
N LYS A 244 -3.72 -4.97 4.16
CA LYS A 244 -3.15 -3.74 3.58
C LYS A 244 -1.61 -3.71 3.34
N LYS A 245 -0.81 -4.10 4.33
CA LYS A 245 0.64 -4.15 4.16
C LYS A 245 1.19 -5.47 4.70
N CYS A 246 0.67 -5.89 5.83
CA CYS A 246 1.16 -7.09 6.50
C CYS A 246 1.13 -8.28 5.57
N TYR A 247 -0.01 -8.54 4.94
CA TYR A 247 -0.13 -9.59 3.94
C TYR A 247 0.45 -9.16 2.59
N SER A 248 -0.10 -8.08 2.02
CA SER A 248 0.20 -7.66 0.65
CA SER A 248 0.21 -7.64 0.65
C SER A 248 1.70 -7.47 0.35
N LEU A 249 2.45 -7.03 1.36
CA LEU A 249 3.87 -6.78 1.18
C LEU A 249 4.73 -7.68 2.04
N ARG A 250 4.51 -7.67 3.35
CA ARG A 250 5.42 -8.39 4.24
C ARG A 250 5.40 -9.92 4.05
N ILE A 251 4.25 -10.55 4.27
CA ILE A 251 4.14 -11.98 4.03
C ILE A 251 4.26 -12.32 2.53
N ALA A 252 3.61 -11.55 1.67
CA ALA A 252 3.63 -11.84 0.23
C ALA A 252 5.04 -11.78 -0.37
N SER A 253 5.88 -10.87 0.12
CA SER A 253 7.22 -10.73 -0.44
C SER A 253 8.04 -11.96 -0.10
N ALA A 254 7.80 -12.52 1.08
CA ALA A 254 8.44 -13.78 1.48
C ALA A 254 7.97 -14.96 0.62
N MET A 255 6.67 -15.00 0.35
CA MET A 255 6.12 -16.00 -0.56
C MET A 255 6.75 -15.87 -1.94
N ALA A 256 6.77 -14.64 -2.46
CA ALA A 256 7.29 -14.34 -3.78
C ALA A 256 8.76 -14.75 -3.91
N HIS A 257 9.51 -14.52 -2.84
CA HIS A 257 10.90 -14.99 -2.72
C HIS A 257 11.05 -16.50 -2.99
N ASP A 258 10.18 -17.30 -2.37
CA ASP A 258 10.24 -18.76 -2.46
C ASP A 258 9.59 -19.31 -3.73
N GLU A 259 8.63 -18.58 -4.27
CA GLU A 259 7.77 -19.10 -5.34
C GLU A 259 8.03 -18.47 -6.71
N GLY A 260 8.97 -17.53 -6.78
CA GLY A 260 9.43 -17.02 -8.05
C GLY A 260 8.70 -15.81 -8.62
N TRP A 261 8.08 -15.03 -7.75
CA TRP A 261 7.37 -13.84 -8.21
C TRP A 261 7.75 -12.58 -7.42
N LEU A 262 6.99 -11.51 -7.61
CA LEU A 262 7.29 -10.24 -6.94
C LEU A 262 6.04 -9.62 -6.32
N ALA A 263 6.14 -9.25 -5.04
CA ALA A 263 5.07 -8.53 -4.35
C ALA A 263 5.63 -7.16 -4.03
N GLU A 264 5.05 -6.13 -4.61
CA GLU A 264 5.71 -4.83 -4.57
C GLU A 264 4.81 -3.65 -4.20
N HIS A 265 5.45 -2.58 -3.73
CA HIS A 265 4.77 -1.38 -3.28
C HIS A 265 4.63 -0.46 -4.50
N MET A 266 3.80 -0.89 -5.44
CA MET A 266 3.66 -0.19 -6.71
C MET A 266 2.20 0.09 -7.07
N LEU A 267 1.98 1.25 -7.68
CA LEU A 267 0.74 1.56 -8.39
C LEU A 267 0.76 0.80 -9.73
N ILE A 268 -0.40 0.56 -10.32
CA ILE A 268 -0.49 -0.01 -11.67
C ILE A 268 -1.29 0.92 -12.56
N LEU A 269 -0.65 1.46 -13.59
CA LEU A 269 -1.29 2.44 -14.46
C LEU A 269 -1.47 1.95 -15.89
N LYS A 270 -2.64 2.23 -16.45
CA LYS A 270 -2.92 1.92 -17.83
C LYS A 270 -2.90 3.21 -18.65
N LEU A 271 -1.96 3.29 -19.58
CA LEU A 271 -1.85 4.45 -20.48
C LEU A 271 -2.20 4.05 -21.91
N ILE A 272 -3.09 4.83 -22.54
CA ILE A 272 -3.51 4.55 -23.90
C ILE A 272 -3.10 5.69 -24.82
N SER A 273 -2.33 5.37 -25.85
CA SER A 273 -1.79 6.35 -26.79
C SER A 273 -2.82 6.80 -27.83
N PRO A 274 -2.52 7.87 -28.58
CA PRO A 274 -3.42 8.29 -29.67
C PRO A 274 -3.68 7.22 -30.75
N GLU A 275 -2.84 6.19 -30.84
CA GLU A 275 -3.12 5.12 -31.80
C GLU A 275 -3.98 4.05 -31.16
N ASN A 276 -4.42 4.34 -29.94
CA ASN A 276 -5.29 3.45 -29.17
C ASN A 276 -4.64 2.12 -28.76
N LYS A 277 -3.34 2.17 -28.54
CA LYS A 277 -2.63 1.02 -27.97
C LYS A 277 -2.51 1.25 -26.45
N ALA A 278 -2.72 0.19 -25.69
CA ALA A 278 -2.63 0.27 -24.22
C ALA A 278 -1.27 -0.15 -23.70
N TYR A 279 -0.75 0.61 -22.73
CA TYR A 279 0.49 0.24 -22.03
C TYR A 279 0.24 0.21 -20.54
N TYR A 280 0.89 -0.72 -19.85
CA TYR A 280 0.71 -0.89 -18.42
C TYR A 280 2.03 -0.65 -17.69
N PHE A 281 2.00 0.22 -16.68
CA PHE A 281 3.19 0.58 -15.93
C PHE A 281 3.01 0.32 -14.43
N ALA A 282 4.07 -0.19 -13.80
CA ALA A 282 4.14 -0.30 -12.36
C ALA A 282 5.13 0.77 -11.86
N ALA A 283 4.80 1.44 -10.77
CA ALA A 283 5.66 2.52 -10.24
C ALA A 283 5.78 2.46 -8.71
N ALA A 284 7.01 2.30 -8.24
CA ALA A 284 7.28 2.25 -6.80
C ALA A 284 7.72 3.62 -6.30
N PHE A 285 6.80 4.34 -5.68
CA PHE A 285 7.14 5.57 -4.97
C PHE A 285 6.84 5.35 -3.49
N PRO A 286 7.70 5.87 -2.60
CA PRO A 286 7.33 5.84 -1.18
C PRO A 286 6.08 6.68 -0.88
N SER A 287 5.51 6.47 0.30
CA SER A 287 4.41 7.27 0.82
C SER A 287 4.65 8.76 0.60
N ALA A 288 3.61 9.47 0.15
CA ALA A 288 3.69 10.92 -0.09
C ALA A 288 4.69 11.38 -1.18
N CYS A 289 4.99 10.50 -2.14
CA CYS A 289 5.80 10.91 -3.30
C CYS A 289 5.02 10.66 -4.56
N GLY A 290 3.70 10.80 -4.44
CA GLY A 290 2.76 10.00 -5.17
C GLY A 290 2.56 10.12 -6.65
N LYS A 291 1.98 9.13 -7.33
CA LYS A 291 1.50 7.76 -6.91
C LYS A 291 0.00 7.57 -6.91
N THR A 292 -0.69 8.03 -5.87
CA THR A 292 -2.14 8.14 -5.96
C THR A 292 -2.44 9.06 -7.15
N ASN A 293 -1.69 10.16 -7.24
CA ASN A 293 -1.86 11.12 -8.32
C ASN A 293 -1.47 10.55 -9.69
N LEU A 294 -0.37 9.82 -9.77
CA LEU A 294 0.02 9.20 -11.03
C LEU A 294 -0.94 8.05 -11.40
N ALA A 295 -1.30 7.22 -10.43
CA ALA A 295 -2.25 6.13 -10.70
C ALA A 295 -3.57 6.66 -11.27
N MET A 296 -3.91 7.90 -10.95
CA MET A 296 -5.16 8.49 -11.44
C MET A 296 -4.93 9.66 -12.36
N LEU A 297 -3.83 9.60 -13.09
CA LEU A 297 -3.43 10.64 -14.02
C LEU A 297 -4.55 10.98 -15.00
N GLN A 298 -4.74 12.27 -15.25
CA GLN A 298 -5.48 12.70 -16.43
C GLN A 298 -4.54 13.45 -17.34
N PRO A 299 -4.18 12.84 -18.48
CA PRO A 299 -3.21 13.44 -19.40
C PRO A 299 -3.60 14.84 -19.90
N THR A 300 -2.59 15.67 -20.14
CA THR A 300 -2.79 17.06 -20.56
C THR A 300 -2.42 17.24 -22.04
N ILE A 301 -2.20 16.13 -22.73
CA ILE A 301 -1.89 16.19 -24.15
C ILE A 301 -2.93 15.38 -24.91
N PRO A 302 -3.44 15.93 -26.02
CA PRO A 302 -4.56 15.33 -26.76
C PRO A 302 -4.27 13.91 -27.25
N GLY A 303 -5.27 13.03 -27.16
CA GLY A 303 -5.13 11.68 -27.65
C GLY A 303 -4.62 10.67 -26.62
N TRP A 304 -4.18 11.17 -25.47
CA TRP A 304 -3.68 10.28 -24.42
C TRP A 304 -4.70 10.11 -23.28
N ARG A 305 -4.99 8.86 -22.92
CA ARG A 305 -5.93 8.55 -21.84
C ARG A 305 -5.27 7.67 -20.79
N ALA A 306 -5.77 7.72 -19.56
CA ALA A 306 -5.21 6.90 -18.50
C ALA A 306 -6.30 6.25 -17.66
N GLU A 307 -6.10 4.99 -17.31
CA GLU A 307 -7.01 4.26 -16.43
C GLU A 307 -6.19 3.60 -15.33
N THR A 308 -6.82 3.31 -14.20
CA THR A 308 -6.08 2.79 -13.05
C THR A 308 -6.43 1.35 -12.71
N LEU A 309 -5.41 0.60 -12.28
CA LEU A 309 -5.62 -0.73 -11.71
C LEU A 309 -5.33 -0.76 -10.22
N GLY A 310 -4.63 0.26 -9.72
CA GLY A 310 -4.31 0.32 -8.30
C GLY A 310 -3.31 1.43 -7.99
N ASP A 311 -3.22 1.80 -6.71
CA ASP A 311 -2.31 2.87 -6.31
C ASP A 311 -1.42 2.57 -5.11
N ASP A 312 -1.14 1.30 -4.83
CA ASP A 312 -0.33 0.97 -3.67
C ASP A 312 0.41 -0.37 -3.79
N ILE A 313 -0.34 -1.45 -4.04
CA ILE A 313 0.24 -2.79 -4.17
C ILE A 313 0.11 -3.44 -5.57
N ALA A 314 1.19 -4.07 -6.01
CA ALA A 314 1.19 -4.85 -7.24
C ALA A 314 1.84 -6.19 -7.00
N TRP A 315 1.22 -7.24 -7.53
CA TRP A 315 1.78 -8.58 -7.50
C TRP A 315 2.05 -8.98 -8.95
N MET A 316 3.28 -9.43 -9.21
CA MET A 316 3.74 -9.65 -10.56
C MET A 316 4.39 -11.02 -10.72
N ARG A 317 3.97 -11.73 -11.75
CA ARG A 317 4.46 -13.05 -12.08
C ARG A 317 4.67 -13.13 -13.58
N PHE A 318 5.71 -13.85 -14.00
CA PHE A 318 5.92 -14.15 -15.42
C PHE A 318 4.84 -15.07 -15.97
N GLY A 319 4.29 -14.70 -17.11
CA GLY A 319 3.29 -15.53 -17.79
C GLY A 319 3.92 -16.52 -18.75
N LYS A 320 3.09 -17.20 -19.52
CA LYS A 320 3.56 -18.22 -20.47
C LYS A 320 4.52 -17.62 -21.49
N ASP A 321 4.14 -16.47 -22.02
CA ASP A 321 4.90 -15.79 -23.06
C ASP A 321 6.13 -15.04 -22.55
N GLY A 322 6.52 -15.28 -21.29
CA GLY A 322 7.72 -14.67 -20.75
C GLY A 322 7.61 -13.21 -20.33
N ARG A 323 6.43 -12.62 -20.51
CA ARG A 323 6.17 -11.26 -20.03
C ARG A 323 5.83 -11.24 -18.53
N LEU A 324 5.99 -10.07 -17.91
CA LEU A 324 5.65 -9.88 -16.51
CA LEU A 324 5.65 -9.88 -16.51
C LEU A 324 4.25 -9.32 -16.34
N TYR A 325 3.39 -10.08 -15.68
CA TYR A 325 1.99 -9.68 -15.50
C TYR A 325 1.65 -9.21 -14.09
N ALA A 326 0.90 -8.12 -13.99
CA ALA A 326 0.60 -7.55 -12.68
C ALA A 326 -0.90 -7.60 -12.33
N VAL A 327 -1.18 -7.94 -11.09
CA VAL A 327 -2.53 -7.86 -10.55
CA VAL A 327 -2.53 -7.87 -10.54
C VAL A 327 -2.49 -7.01 -9.28
N ASN A 328 -3.56 -6.26 -9.04
CA ASN A 328 -3.70 -5.52 -7.80
C ASN A 328 -4.39 -6.42 -6.78
N PRO A 329 -3.67 -6.82 -5.73
CA PRO A 329 -4.29 -7.79 -4.81
C PRO A 329 -5.37 -7.18 -3.91
N GLU A 330 -5.48 -5.85 -3.89
CA GLU A 330 -6.48 -5.25 -3.02
C GLU A 330 -7.81 -5.03 -3.71
N PHE A 331 -8.82 -4.69 -2.91
CA PHE A 331 -10.18 -4.50 -3.42
C PHE A 331 -10.66 -3.07 -3.19
N GLY A 332 -9.90 -2.31 -2.41
CA GLY A 332 -10.33 -0.98 -2.02
C GLY A 332 -9.17 -0.01 -1.98
N PHE A 333 -9.48 1.28 -1.89
CA PHE A 333 -8.46 2.31 -1.68
C PHE A 333 -8.45 2.68 -0.19
N PHE A 334 -7.26 2.88 0.35
CA PHE A 334 -7.07 3.30 1.74
C PHE A 334 -6.15 4.51 1.74
N GLY A 335 -6.72 5.66 1.42
CA GLY A 335 -5.92 6.83 1.07
C GLY A 335 -5.80 7.86 2.17
N VAL A 336 -4.77 8.69 2.06
CA VAL A 336 -4.58 9.80 2.99
C VAL A 336 -5.49 10.95 2.55
N ALA A 337 -6.37 11.38 3.44
CA ALA A 337 -7.35 12.41 3.11
C ALA A 337 -6.71 13.80 2.93
N PRO A 338 -5.98 14.31 3.94
CA PRO A 338 -5.44 15.66 3.73
C PRO A 338 -4.49 15.70 2.54
N GLY A 339 -4.59 16.76 1.74
CA GLY A 339 -3.81 16.88 0.52
C GLY A 339 -4.64 16.52 -0.70
N THR A 340 -5.60 15.61 -0.51
CA THR A 340 -6.51 15.21 -1.57
C THR A 340 -7.56 16.29 -1.73
N ASN A 341 -7.77 16.74 -2.96
CA ASN A 341 -8.80 17.73 -3.26
C ASN A 341 -9.22 17.73 -4.72
N TRP A 342 -10.27 18.49 -5.04
CA TRP A 342 -10.87 18.44 -6.37
C TRP A 342 -9.98 18.97 -7.50
N LYS A 343 -9.12 19.92 -7.19
CA LYS A 343 -8.24 20.48 -8.21
C LYS A 343 -7.02 19.59 -8.51
N SER A 344 -6.36 19.11 -7.46
CA SER A 344 -5.23 18.18 -7.63
C SER A 344 -5.71 16.81 -8.10
N ASN A 345 -6.66 16.21 -7.40
CA ASN A 345 -7.08 14.85 -7.73
C ASN A 345 -8.60 14.64 -7.79
N PRO A 346 -9.24 15.14 -8.85
CA PRO A 346 -10.69 15.02 -9.05
C PRO A 346 -11.20 13.59 -9.18
N ASN A 347 -10.41 12.66 -9.73
CA ASN A 347 -10.88 11.28 -9.88
C ASN A 347 -10.91 10.52 -8.56
N ALA A 348 -9.94 10.83 -7.70
CA ALA A 348 -9.97 10.35 -6.32
C ALA A 348 -11.22 10.90 -5.62
N MET A 349 -11.51 12.18 -5.83
CA MET A 349 -12.67 12.81 -5.19
C MET A 349 -13.98 12.22 -5.69
N ARG A 350 -14.05 11.93 -6.99
CA ARG A 350 -15.24 11.29 -7.56
CA ARG A 350 -15.23 11.29 -7.56
C ARG A 350 -15.42 9.87 -7.06
N THR A 351 -14.31 9.17 -6.83
CA THR A 351 -14.36 7.82 -6.26
C THR A 351 -15.03 7.89 -4.89
N ILE A 352 -14.59 8.85 -4.09
CA ILE A 352 -15.13 9.09 -2.76
C ILE A 352 -16.59 9.56 -2.77
N ALA A 353 -16.91 10.39 -3.77
CA ALA A 353 -18.23 11.00 -3.88
C ALA A 353 -19.34 9.98 -4.02
N ALA A 354 -19.02 8.83 -4.62
CA ALA A 354 -19.99 7.76 -4.78
C ALA A 354 -20.36 7.04 -3.46
N GLY A 355 -19.71 7.40 -2.37
CA GLY A 355 -20.11 6.89 -1.06
C GLY A 355 -19.49 5.55 -0.68
N ASN A 356 -20.23 4.76 0.08
CA ASN A 356 -19.74 3.47 0.60
C ASN A 356 -18.35 3.57 1.24
N THR A 357 -18.11 4.68 1.92
CA THR A 357 -16.78 5.03 2.37
C THR A 357 -16.75 5.19 3.88
N VAL A 358 -15.68 4.69 4.49
CA VAL A 358 -15.41 4.95 5.89
C VAL A 358 -14.28 5.97 6.00
N PHE A 359 -14.58 7.11 6.62
CA PHE A 359 -13.58 8.15 6.87
C PHE A 359 -13.09 8.00 8.31
N THR A 360 -11.77 8.01 8.50
CA THR A 360 -11.22 7.96 9.86
C THR A 360 -10.43 9.24 10.18
N ASN A 361 -10.82 9.93 11.25
CA ASN A 361 -10.11 11.10 11.76
C ASN A 361 -10.12 12.37 10.91
N VAL A 362 -11.13 12.51 10.04
CA VAL A 362 -11.36 13.78 9.37
C VAL A 362 -12.38 14.60 10.16
N ALA A 363 -12.74 15.77 9.63
CA ALA A 363 -13.65 16.68 10.32
C ALA A 363 -15.06 16.58 9.77
N LEU A 364 -16.01 16.96 10.61
CA LEU A 364 -17.44 16.87 10.30
C LEU A 364 -18.01 18.27 10.05
N THR A 365 -18.70 18.44 8.92
CA THR A 365 -19.36 19.72 8.66
C THR A 365 -20.74 19.78 9.33
N ASP A 366 -21.31 20.98 9.40
CA ASP A 366 -22.60 21.21 10.03
C ASP A 366 -23.75 20.44 9.35
N ASP A 367 -23.64 20.18 8.05
CA ASP A 367 -24.67 19.39 7.35
C ASP A 367 -24.26 17.93 7.11
N GLY A 368 -23.33 17.45 7.93
CA GLY A 368 -22.91 16.05 7.87
C GLY A 368 -22.09 15.63 6.66
N ASP A 369 -21.39 16.58 6.04
CA ASP A 369 -20.36 16.24 5.06
C ASP A 369 -19.07 16.10 5.86
N VAL A 370 -17.97 15.84 5.16
CA VAL A 370 -16.66 15.74 5.79
C VAL A 370 -15.70 16.74 5.16
N TRP A 371 -14.68 17.15 5.92
CA TRP A 371 -13.67 18.08 5.44
C TRP A 371 -12.30 17.70 6.00
N TRP A 372 -11.25 18.07 5.28
CA TRP A 372 -9.89 17.94 5.78
C TRP A 372 -9.05 19.04 5.14
N GLU A 373 -7.91 19.33 5.75
CA GLU A 373 -6.99 20.37 5.26
C GLU A 373 -6.63 20.18 3.79
N GLY A 374 -6.71 21.26 3.03
CA GLY A 374 -6.40 21.21 1.61
C GLY A 374 -7.62 20.97 0.72
N LEU A 375 -8.73 20.58 1.33
CA LEU A 375 -9.96 20.38 0.59
C LEU A 375 -10.61 21.76 0.35
N GLU A 376 -11.37 21.87 -0.74
CA GLU A 376 -12.08 23.10 -1.04
C GLU A 376 -13.20 23.37 -0.02
N GLY A 377 -13.82 24.55 -0.12
CA GLY A 377 -15.02 24.85 0.64
C GLY A 377 -14.93 25.91 1.71
N ASP A 378 -13.78 25.99 2.37
CA ASP A 378 -13.61 26.89 3.52
C ASP A 378 -14.77 26.89 4.52
N PRO A 379 -15.11 25.72 5.09
CA PRO A 379 -16.19 25.68 6.07
C PRO A 379 -15.88 26.58 7.25
N GLN A 380 -16.91 27.20 7.81
CA GLN A 380 -16.72 28.20 8.86
C GLN A 380 -16.69 27.56 10.23
N HIS A 381 -17.47 26.50 10.41
CA HIS A 381 -17.43 25.72 11.64
C HIS A 381 -17.33 24.23 11.34
N LEU A 382 -16.48 23.54 12.08
CA LEU A 382 -16.37 22.10 11.96
C LEU A 382 -16.35 21.54 13.35
N ILE A 383 -16.64 20.25 13.43
CA ILE A 383 -16.24 19.45 14.58
C ILE A 383 -14.99 18.71 14.13
N ASP A 384 -13.88 18.90 14.84
CA ASP A 384 -12.61 18.33 14.41
C ASP A 384 -12.47 16.85 14.77
N TRP A 385 -11.30 16.28 14.47
CA TRP A 385 -11.06 14.85 14.66
C TRP A 385 -11.10 14.37 16.12
N LYS A 386 -11.13 15.29 17.07
CA LYS A 386 -11.21 14.94 18.48
C LYS A 386 -12.56 15.29 19.09
N GLY A 387 -13.51 15.72 18.26
CA GLY A 387 -14.85 16.03 18.75
C GLY A 387 -15.06 17.47 19.22
N ASN A 388 -14.06 18.31 19.01
CA ASN A 388 -14.13 19.71 19.46
C ASN A 388 -14.49 20.69 18.36
N ASP A 389 -15.03 21.84 18.77
CA ASP A 389 -15.39 22.91 17.84
C ASP A 389 -14.15 23.48 17.17
N TRP A 390 -14.27 23.79 15.88
CA TRP A 390 -13.18 24.34 15.11
C TRP A 390 -13.74 25.52 14.34
N TYR A 391 -12.97 26.61 14.30
CA TYR A 391 -13.44 27.80 13.60
C TYR A 391 -12.44 28.27 12.55
N PHE A 392 -12.97 28.58 11.38
CA PHE A 392 -12.18 29.06 10.25
C PHE A 392 -11.32 30.26 10.62
N ARG A 393 -10.06 30.26 10.17
CA ARG A 393 -9.11 31.35 10.40
C ARG A 393 -8.98 31.78 11.86
N GLU A 394 -9.06 30.82 12.77
CA GLU A 394 -8.97 31.12 14.19
C GLU A 394 -8.36 29.96 14.97
N THR A 395 -8.98 28.79 14.87
CA THR A 395 -8.48 27.60 15.56
C THR A 395 -7.09 27.26 15.02
N GLU A 396 -6.16 27.03 15.94
CA GLU A 396 -4.76 26.86 15.57
C GLU A 396 -4.35 25.41 15.36
N THR A 397 -5.27 24.48 15.65
CA THR A 397 -5.04 23.06 15.38
C THR A 397 -5.69 22.59 14.08
N ASN A 398 -5.19 21.49 13.52
N ASN A 398 -5.19 21.48 13.53
CA ASN A 398 -5.76 20.92 12.30
CA ASN A 398 -5.76 20.92 12.32
C ASN A 398 -7.14 20.32 12.56
C ASN A 398 -7.15 20.33 12.58
N ALA A 399 -8.07 20.58 11.65
CA ALA A 399 -9.41 20.04 11.76
C ALA A 399 -9.38 18.51 11.63
N ALA A 400 -8.69 18.03 10.61
CA ALA A 400 -8.50 16.59 10.43
C ALA A 400 -7.11 16.19 10.92
N HIS A 401 -6.97 14.95 11.38
CA HIS A 401 -5.65 14.44 11.69
C HIS A 401 -4.84 14.48 10.40
N PRO A 402 -3.55 14.86 10.51
CA PRO A 402 -2.70 14.99 9.32
C PRO A 402 -2.51 13.67 8.56
N ASN A 403 -2.84 12.56 9.20
CA ASN A 403 -2.69 11.24 8.60
C ASN A 403 -4.06 10.56 8.43
N SER A 404 -5.12 11.34 8.52
CA SER A 404 -6.49 10.81 8.40
C SER A 404 -6.74 10.09 7.08
N ARG A 405 -7.80 9.28 7.03
CA ARG A 405 -7.99 8.31 5.95
C ARG A 405 -9.39 8.25 5.36
N TYR A 406 -9.45 7.90 4.07
CA TYR A 406 -10.69 7.43 3.47
C TYR A 406 -10.52 5.97 3.09
N CYS A 407 -11.59 5.19 3.22
CA CYS A 407 -11.56 3.77 2.86
C CYS A 407 -12.72 3.48 1.93
N THR A 408 -12.40 3.27 0.65
CA THR A 408 -13.39 3.35 -0.43
C THR A 408 -13.24 2.22 -1.44
N PRO A 409 -14.38 1.68 -1.92
CA PRO A 409 -14.29 0.62 -2.93
C PRO A 409 -13.57 1.06 -4.22
N MET A 410 -12.76 0.16 -4.76
CA MET A 410 -12.05 0.41 -6.02
C MET A 410 -13.04 0.57 -7.18
N SER A 411 -14.08 -0.25 -7.17
CA SER A 411 -15.06 -0.30 -8.25
C SER A 411 -15.80 1.02 -8.54
N GLN A 412 -15.69 1.98 -7.63
CA GLN A 412 -16.34 3.28 -7.81
C GLN A 412 -15.46 4.28 -8.53
N CYS A 413 -14.21 3.89 -8.80
CA CYS A 413 -13.29 4.78 -9.51
C CYS A 413 -13.73 4.95 -10.96
N PRO A 414 -14.06 6.19 -11.36
CA PRO A 414 -14.59 6.51 -12.68
C PRO A 414 -13.62 6.16 -13.80
N ILE A 415 -12.33 6.04 -13.51
CA ILE A 415 -11.38 5.68 -14.56
C ILE A 415 -10.71 4.34 -14.26
N LEU A 416 -11.42 3.51 -13.52
CA LEU A 416 -11.03 2.12 -13.31
C LEU A 416 -10.89 1.42 -14.66
N ALA A 417 -9.76 0.77 -14.89
CA ALA A 417 -9.58 0.00 -16.11
C ALA A 417 -10.40 -1.27 -16.07
N PRO A 418 -11.04 -1.62 -17.20
CA PRO A 418 -11.84 -2.85 -17.29
C PRO A 418 -11.07 -4.12 -16.91
N GLU A 419 -9.74 -4.08 -17.00
CA GLU A 419 -8.91 -5.24 -16.66
C GLU A 419 -8.68 -5.37 -15.15
N TRP A 420 -9.29 -4.47 -14.38
CA TRP A 420 -9.00 -4.38 -12.95
C TRP A 420 -9.30 -5.66 -12.17
N ASP A 421 -10.33 -6.40 -12.58
CA ASP A 421 -10.69 -7.62 -11.86
C ASP A 421 -10.33 -8.89 -12.61
N ASP A 422 -9.38 -8.77 -13.54
CA ASP A 422 -8.93 -9.90 -14.34
C ASP A 422 -7.79 -10.66 -13.64
N PRO A 423 -8.02 -11.95 -13.31
CA PRO A 423 -7.00 -12.74 -12.59
C PRO A 423 -5.76 -13.03 -13.43
N GLN A 424 -5.86 -12.83 -14.74
CA GLN A 424 -4.72 -13.02 -15.61
C GLN A 424 -3.70 -11.86 -15.48
N GLY A 425 -4.15 -10.72 -14.98
CA GLY A 425 -3.29 -9.56 -14.81
C GLY A 425 -3.06 -8.79 -16.09
N VAL A 426 -2.18 -7.79 -16.04
CA VAL A 426 -1.83 -6.97 -17.21
C VAL A 426 -0.32 -6.98 -17.47
N PRO A 427 0.05 -7.06 -18.77
CA PRO A 427 1.46 -7.12 -19.14
C PRO A 427 2.17 -5.80 -18.88
N ILE A 428 3.25 -5.85 -18.11
CA ILE A 428 3.98 -4.67 -17.70
C ILE A 428 5.08 -4.30 -18.70
N SER A 429 4.98 -3.09 -19.27
CA SER A 429 5.98 -2.62 -20.24
C SER A 429 7.10 -1.88 -19.54
N GLY A 430 6.76 -1.22 -18.44
CA GLY A 430 7.75 -0.39 -17.74
C GLY A 430 7.58 -0.35 -16.24
N ILE A 431 8.70 -0.39 -15.53
CA ILE A 431 8.72 -0.22 -14.07
C ILE A 431 9.40 1.10 -13.71
N LEU A 432 8.72 1.91 -12.91
CA LEU A 432 9.25 3.21 -12.51
C LEU A 432 9.62 3.23 -11.03
N PHE A 433 10.71 3.93 -10.74
CA PHE A 433 11.11 4.21 -9.36
C PHE A 433 11.29 5.71 -9.24
N GLY A 434 10.87 6.27 -8.10
CA GLY A 434 11.06 7.69 -7.87
C GLY A 434 10.92 8.04 -6.40
N GLY A 435 11.53 9.16 -6.01
CA GLY A 435 11.39 9.66 -4.66
C GLY A 435 11.39 11.18 -4.68
N ARG A 436 11.41 11.79 -3.50
CA ARG A 436 11.52 13.24 -3.42
C ARG A 436 12.99 13.65 -3.38
N ARG A 437 13.50 14.17 -4.48
CA ARG A 437 14.85 14.72 -4.53
C ARG A 437 14.82 16.13 -5.11
N LYS A 438 15.27 17.10 -4.31
CA LYS A 438 15.26 18.50 -4.71
C LYS A 438 16.43 18.84 -5.63
N THR A 439 17.46 18.00 -5.63
CA THR A 439 18.60 18.16 -6.53
C THR A 439 18.93 16.81 -7.18
N THR A 440 19.88 16.83 -8.10
CA THR A 440 20.66 15.64 -8.50
C THR A 440 19.99 14.72 -9.50
N VAL A 441 18.87 14.13 -9.09
CA VAL A 441 18.17 13.19 -9.94
C VAL A 441 17.35 13.94 -10.99
N PRO A 442 17.53 13.58 -12.27
CA PRO A 442 16.77 14.23 -13.34
C PRO A 442 15.30 13.76 -13.40
N LEU A 443 14.49 14.54 -14.10
CA LEU A 443 13.05 14.29 -14.25
C LEU A 443 12.75 12.84 -14.64
N VAL A 444 13.49 12.30 -15.59
CA VAL A 444 13.33 10.92 -15.99
C VAL A 444 14.61 10.36 -16.57
N THR A 445 14.88 9.10 -16.27
CA THR A 445 16.05 8.40 -16.78
C THR A 445 15.59 6.99 -17.10
N GLU A 446 16.14 6.41 -18.17
CA GLU A 446 15.90 4.99 -18.45
C GLU A 446 17.15 4.18 -18.11
N ALA A 447 16.91 3.04 -17.47
CA ALA A 447 18.00 2.14 -17.09
C ALA A 447 18.74 1.65 -18.34
N ARG A 448 19.97 1.15 -18.14
CA ARG A 448 20.78 0.64 -19.24
C ARG A 448 20.40 -0.79 -19.57
N ASP A 449 19.89 -1.50 -18.58
CA ASP A 449 19.48 -2.89 -18.70
C ASP A 449 18.85 -3.25 -17.37
N TRP A 450 18.44 -4.50 -17.19
CA TRP A 450 17.74 -4.94 -15.98
C TRP A 450 18.53 -4.76 -14.69
N GLN A 451 19.78 -5.23 -14.69
CA GLN A 451 20.61 -5.18 -13.50
C GLN A 451 20.88 -3.74 -13.09
N HIS A 452 20.96 -2.84 -14.06
CA HIS A 452 21.13 -1.43 -13.74
C HIS A 452 19.84 -0.88 -13.17
N GLY A 453 18.70 -1.35 -13.69
CA GLY A 453 17.41 -0.99 -13.12
C GLY A 453 17.24 -1.48 -11.68
N VAL A 454 17.72 -2.69 -11.40
CA VAL A 454 17.68 -3.19 -10.02
C VAL A 454 18.50 -2.27 -9.09
N PHE A 455 19.69 -1.89 -9.54
CA PHE A 455 20.54 -0.97 -8.79
C PHE A 455 19.83 0.35 -8.50
N ILE A 456 19.22 0.94 -9.53
CA ILE A 456 18.44 2.16 -9.39
C ILE A 456 17.31 2.01 -8.36
N GLY A 457 16.55 0.92 -8.49
CA GLY A 457 15.53 0.59 -7.49
C GLY A 457 16.16 0.43 -6.12
N ALA A 458 17.29 -0.27 -6.07
CA ALA A 458 17.94 -0.63 -4.80
C ALA A 458 18.45 0.58 -4.03
N THR A 459 18.73 1.67 -4.74
CA THR A 459 19.37 2.83 -4.14
C THR A 459 18.49 4.07 -4.15
N LEU A 460 17.19 3.85 -4.34
CA LEU A 460 16.19 4.90 -4.40
C LEU A 460 16.27 5.78 -3.16
N GLY A 461 16.46 7.08 -3.40
CA GLY A 461 16.57 8.06 -2.34
C GLY A 461 15.35 8.96 -2.28
N SER A 462 14.98 9.36 -1.08
CA SER A 462 13.88 10.29 -0.89
C SER A 462 14.10 11.16 0.35
N GLU A 463 13.95 12.47 0.17
CA GLU A 463 14.22 13.43 1.25
C GLU A 463 13.05 13.54 2.23
N GLN A 464 12.95 12.59 3.15
CA GLN A 464 11.82 12.57 4.08
C GLN A 464 12.07 11.81 5.39
N ASN A 474 18.56 15.94 3.54
CA ASN A 474 19.00 14.64 4.08
C ASN A 474 18.23 13.49 3.44
N VAL A 475 18.98 12.58 2.81
CA VAL A 475 18.40 11.56 1.95
C VAL A 475 18.33 10.17 2.58
N ARG A 476 17.10 9.70 2.77
CA ARG A 476 16.87 8.33 3.20
C ARG A 476 16.86 7.39 1.98
N ARG A 477 17.50 6.23 2.10
CA ARG A 477 17.41 5.20 1.08
C ARG A 477 16.20 4.33 1.38
N ASP A 478 15.36 4.13 0.36
CA ASP A 478 14.12 3.37 0.51
C ASP A 478 14.03 2.49 -0.73
N PRO A 479 14.68 1.33 -0.69
CA PRO A 479 14.81 0.43 -1.86
C PRO A 479 13.44 0.01 -2.38
N MET A 480 13.17 0.27 -3.66
CA MET A 480 11.89 -0.09 -4.28
C MET A 480 10.68 0.36 -3.48
N ALA A 481 10.83 1.43 -2.70
CA ALA A 481 9.78 1.91 -1.80
C ALA A 481 9.37 0.84 -0.79
N MET A 482 10.29 -0.07 -0.47
CA MET A 482 9.98 -1.20 0.42
C MET A 482 10.62 -1.15 1.81
N LEU A 483 11.25 -0.04 2.18
CA LEU A 483 12.02 0.03 3.43
C LEU A 483 11.31 -0.52 4.68
N PRO A 484 10.06 -0.12 4.93
CA PRO A 484 9.46 -0.70 6.13
C PRO A 484 8.60 -1.94 5.85
N PHE A 485 8.74 -2.53 4.67
CA PHE A 485 7.78 -3.54 4.25
C PHE A 485 8.36 -4.89 3.83
N LEU A 486 9.68 -5.03 3.76
CA LEU A 486 10.27 -6.31 3.38
C LEU A 486 10.04 -7.45 4.39
N GLY A 487 9.71 -8.63 3.87
CA GLY A 487 9.41 -9.77 4.72
C GLY A 487 10.66 -10.59 4.95
N TYR A 488 11.74 -10.21 4.28
CA TYR A 488 13.01 -10.90 4.46
C TYR A 488 14.20 -9.98 4.21
N ASN A 489 15.40 -10.54 4.29
CA ASN A 489 16.64 -9.77 4.18
C ASN A 489 16.74 -8.97 2.87
N VAL A 490 17.00 -7.66 3.00
CA VAL A 490 17.03 -6.72 1.88
C VAL A 490 18.04 -7.10 0.77
N GLY A 491 19.19 -7.64 1.17
CA GLY A 491 20.17 -8.15 0.23
C GLY A 491 19.67 -9.33 -0.58
N ASP A 492 18.98 -10.27 0.07
CA ASP A 492 18.40 -11.44 -0.59
C ASP A 492 17.30 -11.00 -1.54
N TYR A 493 16.61 -9.92 -1.15
CA TYR A 493 15.54 -9.34 -1.97
C TYR A 493 16.10 -8.74 -3.25
N PHE A 494 17.20 -8.00 -3.15
CA PHE A 494 17.92 -7.52 -4.35
C PHE A 494 18.34 -8.68 -5.23
N GLN A 495 18.87 -9.74 -4.62
CA GLN A 495 19.29 -10.93 -5.34
C GLN A 495 18.11 -11.61 -6.06
N HIS A 496 16.96 -11.64 -5.38
CA HIS A 496 15.76 -12.18 -6.00
C HIS A 496 15.41 -11.38 -7.27
N TRP A 497 15.35 -10.06 -7.18
CA TRP A 497 15.14 -9.20 -8.35
C TRP A 497 16.16 -9.49 -9.47
N ILE A 498 17.45 -9.58 -9.08
CA ILE A 498 18.50 -9.94 -10.03
C ILE A 498 18.25 -11.30 -10.70
N ASN A 499 17.89 -12.31 -9.90
CA ASN A 499 17.66 -13.67 -10.41
C ASN A 499 16.52 -13.76 -11.44
N LEU A 500 15.45 -13.01 -11.22
CA LEU A 500 14.31 -13.06 -12.12
C LEU A 500 14.64 -12.46 -13.49
N GLY A 501 15.50 -11.44 -13.51
CA GLY A 501 15.94 -10.87 -14.77
C GLY A 501 16.97 -11.69 -15.54
N LYS A 502 17.81 -12.44 -14.81
CA LYS A 502 18.84 -13.27 -15.44
C LYS A 502 18.21 -14.45 -16.17
N HIS A 503 17.15 -15.01 -15.57
CA HIS A 503 16.51 -16.21 -16.11
C HIS A 503 15.36 -15.90 -17.07
N ALA A 504 15.10 -14.62 -17.31
CA ALA A 504 14.02 -14.22 -18.20
C ALA A 504 14.51 -13.88 -19.61
N ASP A 505 13.57 -13.86 -20.55
CA ASP A 505 13.84 -13.37 -21.89
C ASP A 505 13.97 -11.85 -21.79
N GLU A 506 15.19 -11.36 -22.02
CA GLU A 506 15.50 -9.93 -21.91
C GLU A 506 14.59 -9.05 -22.78
N SER A 507 14.13 -9.60 -23.89
CA SER A 507 13.27 -8.85 -24.82
C SER A 507 11.88 -8.61 -24.24
N LYS A 508 11.47 -9.46 -23.30
CA LYS A 508 10.14 -9.35 -22.70
C LYS A 508 10.11 -8.63 -21.34
N LEU A 509 11.28 -8.41 -20.75
CA LEU A 509 11.35 -7.72 -19.47
C LEU A 509 10.84 -6.29 -19.64
N PRO A 510 10.10 -5.79 -18.63
CA PRO A 510 9.74 -4.37 -18.65
C PRO A 510 11.02 -3.55 -18.71
N LYS A 511 10.94 -2.37 -19.31
CA LYS A 511 12.06 -1.46 -19.23
C LYS A 511 11.98 -0.77 -17.87
N VAL A 512 13.12 -0.39 -17.32
CA VAL A 512 13.13 0.26 -16.02
C VAL A 512 13.43 1.76 -16.10
N PHE A 513 12.61 2.56 -15.42
CA PHE A 513 12.80 4.00 -15.44
C PHE A 513 12.86 4.63 -14.05
N PHE A 514 13.56 5.75 -13.98
CA PHE A 514 13.90 6.43 -12.74
C PHE A 514 13.37 7.84 -12.93
N VAL A 515 12.38 8.24 -12.13
CA VAL A 515 11.80 9.58 -12.28
C VAL A 515 12.02 10.46 -11.05
N ASN A 516 11.93 11.78 -11.25
CA ASN A 516 11.92 12.73 -10.15
C ASN A 516 11.03 13.95 -10.39
N TRP A 517 9.88 14.01 -9.72
CA TRP A 517 8.96 15.13 -9.94
C TRP A 517 9.34 16.39 -9.15
N PHE A 518 10.28 16.25 -8.22
CA PHE A 518 10.48 17.26 -7.17
C PHE A 518 11.79 18.05 -7.20
N ARG A 519 12.51 17.98 -8.30
CA ARG A 519 13.70 18.80 -8.46
C ARG A 519 13.33 20.30 -8.35
N ARG A 520 14.16 21.05 -7.63
CA ARG A 520 13.91 22.49 -7.45
C ARG A 520 15.08 23.35 -7.90
N GLY A 521 14.76 24.52 -8.43
CA GLY A 521 15.77 25.53 -8.75
C GLY A 521 16.29 26.24 -7.49
N ASP A 522 17.23 27.14 -7.69
CA ASP A 522 17.83 27.87 -6.58
C ASP A 522 16.83 28.79 -5.89
N ASP A 523 15.79 29.22 -6.61
CA ASP A 523 14.80 30.12 -6.02
C ASP A 523 13.73 29.33 -5.25
N GLY A 524 13.86 28.01 -5.27
CA GLY A 524 12.97 27.14 -4.50
C GLY A 524 11.75 26.60 -5.25
N ARG A 525 11.53 27.02 -6.49
CA ARG A 525 10.37 26.51 -7.22
C ARG A 525 10.63 25.16 -7.88
N PHE A 526 9.56 24.37 -8.01
CA PHE A 526 9.61 23.13 -8.76
C PHE A 526 9.95 23.40 -10.23
N LEU A 527 11.01 22.76 -10.72
CA LEU A 527 11.43 22.94 -12.10
C LEU A 527 10.43 22.33 -13.10
N TRP A 528 9.75 21.27 -12.70
CA TRP A 528 8.75 20.60 -13.54
C TRP A 528 7.42 20.68 -12.83
N PRO A 529 6.34 21.06 -13.55
CA PRO A 529 5.05 21.29 -12.88
C PRO A 529 4.34 20.02 -12.43
N GLY A 530 4.55 18.91 -13.13
CA GLY A 530 4.07 17.62 -12.65
C GLY A 530 2.57 17.40 -12.80
N PHE A 531 2.03 16.58 -11.90
CA PHE A 531 0.62 16.15 -11.99
C PHE A 531 0.30 15.70 -13.43
N GLY A 532 -0.81 16.16 -14.00
CA GLY A 532 -1.16 15.81 -15.37
C GLY A 532 -0.04 15.97 -16.38
N GLU A 533 0.84 16.93 -16.15
CA GLU A 533 1.94 17.18 -17.09
C GLU A 533 2.93 16.03 -17.11
N ASN A 534 2.88 15.17 -16.09
CA ASN A 534 3.69 13.96 -16.08
C ASN A 534 3.33 13.04 -17.24
N SER A 535 2.16 13.22 -17.83
CA SER A 535 1.80 12.49 -19.04
C SER A 535 2.86 12.68 -20.15
N ARG A 536 3.49 13.85 -20.17
CA ARG A 536 4.53 14.14 -21.16
C ARG A 536 5.78 13.31 -20.93
N VAL A 537 6.09 13.04 -19.67
CA VAL A 537 7.19 12.16 -19.32
C VAL A 537 6.82 10.73 -19.71
N LEU A 538 5.59 10.33 -19.36
CA LEU A 538 5.09 8.99 -19.70
C LEU A 538 5.08 8.76 -21.21
N LYS A 539 4.86 9.83 -21.97
CA LYS A 539 4.88 9.75 -23.43
C LYS A 539 6.30 9.44 -23.91
N TRP A 540 7.29 10.08 -23.29
CA TRP A 540 8.67 9.78 -23.63
C TRP A 540 8.99 8.32 -23.32
N ILE A 541 8.49 7.86 -22.17
CA ILE A 541 8.73 6.49 -21.72
C ILE A 541 8.14 5.51 -22.74
N VAL A 542 6.88 5.72 -23.13
CA VAL A 542 6.25 4.90 -24.16
C VAL A 542 7.05 4.90 -25.48
N ASP A 543 7.46 6.08 -25.93
CA ASP A 543 8.24 6.18 -27.16
C ASP A 543 9.56 5.40 -27.07
N ARG A 544 10.20 5.43 -25.90
CA ARG A 544 11.45 4.71 -25.71
C ARG A 544 11.23 3.20 -25.81
N ILE A 545 10.13 2.75 -25.21
CA ILE A 545 9.76 1.34 -25.31
C ILE A 545 9.49 0.95 -26.77
N GLU A 546 8.84 1.84 -27.53
CA GLU A 546 8.63 1.63 -28.97
C GLU A 546 9.84 1.99 -29.86
N HIS A 547 10.90 2.50 -29.24
CA HIS A 547 12.10 2.97 -29.94
C HIS A 547 11.81 4.17 -30.85
N LYS A 548 10.87 5.01 -30.43
CA LYS A 548 10.41 6.13 -31.23
C LYS A 548 10.98 7.45 -30.71
N ALA A 549 11.81 7.37 -29.68
CA ALA A 549 12.42 8.57 -29.11
C ALA A 549 13.88 8.35 -28.80
N GLY A 550 14.64 9.43 -28.78
CA GLY A 550 16.05 9.35 -28.41
C GLY A 550 16.29 9.93 -27.03
N GLY A 551 17.55 10.16 -26.72
CA GLY A 551 17.96 10.69 -25.45
C GLY A 551 19.47 10.73 -25.39
N ALA A 552 19.99 11.37 -24.36
CA ALA A 552 21.43 11.44 -24.16
C ALA A 552 21.91 10.23 -23.36
N THR A 553 23.05 9.69 -23.76
CA THR A 553 23.72 8.67 -22.99
C THR A 553 24.53 9.36 -21.91
N THR A 554 24.09 9.22 -20.66
CA THR A 554 24.76 9.84 -19.53
C THR A 554 25.31 8.76 -18.58
N PRO A 555 26.21 9.15 -17.65
CA PRO A 555 26.72 8.17 -16.69
C PRO A 555 25.65 7.41 -15.91
N ILE A 556 24.47 7.99 -15.75
CA ILE A 556 23.44 7.37 -14.92
C ILE A 556 22.36 6.67 -15.72
N GLY A 557 22.38 6.87 -17.03
CA GLY A 557 21.44 6.21 -17.91
C GLY A 557 21.03 7.14 -19.04
N THR A 558 19.98 6.75 -19.76
CA THR A 558 19.51 7.55 -20.89
C THR A 558 18.53 8.63 -20.44
N VAL A 559 18.91 9.87 -20.70
CA VAL A 559 18.18 11.04 -20.22
C VAL A 559 17.84 11.91 -21.41
N PRO A 560 16.55 12.20 -21.60
CA PRO A 560 16.15 12.97 -22.79
C PRO A 560 16.61 14.42 -22.65
N ALA A 561 16.86 15.08 -23.77
CA ALA A 561 17.07 16.52 -23.76
C ALA A 561 15.70 17.16 -23.86
N VAL A 562 15.63 18.46 -23.67
CA VAL A 562 14.36 19.18 -23.74
CA VAL A 562 14.38 19.21 -23.76
C VAL A 562 13.65 18.92 -25.07
N GLU A 563 14.43 18.79 -26.15
CA GLU A 563 13.85 18.58 -27.47
C GLU A 563 13.32 17.16 -27.66
N ASP A 564 13.59 16.26 -26.71
CA ASP A 564 13.05 14.91 -26.77
C ASP A 564 11.68 14.81 -26.13
N LEU A 565 11.24 15.88 -25.49
CA LEU A 565 9.94 15.87 -24.79
C LEU A 565 8.87 16.64 -25.55
N ASP A 566 7.63 16.15 -25.50
CA ASP A 566 6.53 16.90 -26.05
C ASP A 566 6.21 17.98 -25.04
N LEU A 567 6.62 19.22 -25.31
CA LEU A 567 6.27 20.35 -24.47
C LEU A 567 5.27 21.26 -25.14
N ASP A 568 4.63 20.77 -26.20
CA ASP A 568 3.69 21.61 -26.92
C ASP A 568 2.51 21.99 -26.03
N GLY A 569 2.21 23.28 -25.95
CA GLY A 569 1.09 23.76 -25.18
C GLY A 569 1.34 23.80 -23.69
N LEU A 570 2.56 23.48 -23.28
CA LEU A 570 2.95 23.62 -21.89
C LEU A 570 3.60 24.98 -21.68
N ASP A 571 3.00 25.80 -20.83
CA ASP A 571 3.52 27.12 -20.54
C ASP A 571 4.65 27.02 -19.54
N VAL A 572 5.86 26.73 -20.02
CA VAL A 572 7.02 26.60 -19.15
C VAL A 572 8.30 26.99 -19.87
N ASP A 573 9.17 27.67 -19.14
CA ASP A 573 10.46 28.08 -19.66
C ASP A 573 11.24 26.81 -19.96
N ALA A 574 11.73 26.71 -21.19
CA ALA A 574 12.46 25.52 -21.61
C ALA A 574 13.73 25.32 -20.79
N ALA A 575 14.27 26.42 -20.27
CA ALA A 575 15.46 26.39 -19.44
C ALA A 575 15.21 25.65 -18.12
N ASP A 576 14.03 25.82 -17.55
CA ASP A 576 13.66 25.10 -16.33
C ASP A 576 13.61 23.61 -16.61
N VAL A 577 13.07 23.24 -17.77
CA VAL A 577 13.03 21.84 -18.18
C VAL A 577 14.43 21.24 -18.37
N ALA A 578 15.33 21.99 -19.02
CA ALA A 578 16.72 21.56 -19.18
C ALA A 578 17.39 21.35 -17.84
N ALA A 579 17.12 22.27 -16.91
CA ALA A 579 17.65 22.17 -15.56
C ALA A 579 17.10 20.92 -14.89
N ALA A 580 15.83 20.61 -15.15
CA ALA A 580 15.22 19.44 -14.53
C ALA A 580 15.87 18.16 -15.03
N LEU A 581 16.39 18.21 -16.25
CA LEU A 581 16.92 17.03 -16.92
C LEU A 581 18.44 16.92 -16.85
N ALA A 582 19.07 17.88 -16.19
CA ALA A 582 20.53 17.93 -16.19
C ALA A 582 21.16 16.82 -15.37
N VAL A 583 22.29 16.32 -15.85
CA VAL A 583 23.05 15.33 -15.14
C VAL A 583 24.36 16.00 -14.83
N ASP A 584 24.48 16.48 -13.59
CA ASP A 584 25.67 17.18 -13.17
C ASP A 584 26.62 16.22 -12.45
N ALA A 585 27.81 16.05 -13.00
CA ALA A 585 28.75 15.05 -12.50
C ALA A 585 29.19 15.31 -11.07
N ASP A 586 29.37 16.59 -10.73
CA ASP A 586 29.73 16.96 -9.37
C ASP A 586 28.64 16.54 -8.37
N GLU A 587 27.38 16.76 -8.73
CA GLU A 587 26.30 16.35 -7.87
C GLU A 587 26.32 14.83 -7.71
N TRP A 588 26.56 14.13 -8.81
CA TRP A 588 26.55 12.67 -8.75
C TRP A 588 27.73 12.10 -7.98
N ARG A 589 28.83 12.86 -7.94
CA ARG A 589 30.00 12.45 -7.17
C ARG A 589 29.78 12.56 -5.66
N GLN A 590 28.94 13.51 -5.25
CA GLN A 590 28.49 13.63 -3.87
C GLN A 590 27.52 12.53 -3.51
N GLU A 591 26.81 12.01 -4.52
CA GLU A 591 25.82 10.98 -4.29
C GLU A 591 26.49 9.63 -3.99
N LEU A 592 27.64 9.40 -4.63
CA LEU A 592 28.38 8.13 -4.48
C LEU A 592 28.66 7.67 -3.05
N PRO A 593 29.30 8.51 -2.21
CA PRO A 593 29.56 7.99 -0.86
C PRO A 593 28.29 7.73 -0.08
N LEU A 594 27.24 8.49 -0.34
CA LEU A 594 25.94 8.22 0.30
C LEU A 594 25.41 6.84 -0.09
N ILE A 595 25.49 6.52 -1.38
CA ILE A 595 25.08 5.22 -1.87
C ILE A 595 25.96 4.12 -1.29
N GLU A 596 27.28 4.35 -1.33
CA GLU A 596 28.25 3.41 -0.79
C GLU A 596 27.97 3.04 0.67
N GLU A 597 27.65 4.03 1.49
CA GLU A 597 27.38 3.77 2.90
C GLU A 597 26.08 2.97 3.08
N TRP A 598 25.10 3.20 2.21
CA TRP A 598 23.88 2.42 2.21
C TRP A 598 24.14 0.96 1.83
N LEU A 599 25.02 0.74 0.86
CA LEU A 599 25.37 -0.62 0.46
C LEU A 599 26.11 -1.38 1.56
N GLN A 600 26.93 -0.67 2.34
CA GLN A 600 27.56 -1.25 3.51
C GLN A 600 26.51 -1.64 4.55
N PHE A 601 25.50 -0.79 4.71
CA PHE A 601 24.41 -1.05 5.64
C PHE A 601 23.61 -2.30 5.26
N VAL A 602 23.51 -2.56 3.96
CA VAL A 602 22.79 -3.73 3.46
C VAL A 602 23.46 -5.03 3.93
N GLY A 603 24.77 -4.96 4.19
CA GLY A 603 25.46 -6.03 4.90
C GLY A 603 25.95 -7.15 4.01
N GLU A 604 26.18 -8.31 4.61
CA GLU A 604 26.84 -9.42 3.91
C GLU A 604 26.05 -9.95 2.74
N LYS A 605 24.74 -9.74 2.76
CA LYS A 605 23.88 -10.31 1.71
C LYS A 605 23.75 -9.38 0.49
N LEU A 606 24.49 -8.26 0.48
CA LEU A 606 24.50 -7.41 -0.70
C LEU A 606 24.95 -8.22 -1.90
N PRO A 607 24.14 -8.25 -2.95
CA PRO A 607 24.58 -9.01 -4.13
C PRO A 607 25.73 -8.34 -4.86
N THR A 608 26.64 -9.17 -5.35
CA THR A 608 27.72 -8.72 -6.22
C THR A 608 27.16 -7.90 -7.39
N GLY A 609 26.00 -8.29 -7.90
CA GLY A 609 25.40 -7.64 -9.05
C GLY A 609 25.10 -6.17 -8.79
N VAL A 610 24.76 -5.86 -7.55
CA VAL A 610 24.47 -4.49 -7.15
C VAL A 610 25.75 -3.70 -6.97
N LYS A 611 26.75 -4.32 -6.34
CA LYS A 611 28.04 -3.68 -6.18
C LYS A 611 28.65 -3.40 -7.55
N ASP A 612 28.45 -4.32 -8.50
CA ASP A 612 28.92 -4.14 -9.87
C ASP A 612 28.41 -2.85 -10.47
N GLU A 613 27.13 -2.57 -10.25
CA GLU A 613 26.51 -1.41 -10.86
C GLU A 613 26.99 -0.14 -10.17
N PHE A 614 27.26 -0.22 -8.87
CA PHE A 614 27.90 0.89 -8.19
C PHE A 614 29.26 1.22 -8.80
N ASP A 615 30.15 0.23 -8.97
CA ASP A 615 31.46 0.48 -9.58
C ASP A 615 31.33 1.03 -10.99
N ALA A 616 30.38 0.49 -11.75
CA ALA A 616 30.24 0.89 -13.15
C ALA A 616 29.81 2.37 -13.23
N LEU A 617 28.88 2.75 -12.37
CA LEU A 617 28.44 4.13 -12.32
C LEU A 617 29.59 5.04 -11.90
N LYS A 618 30.32 4.65 -10.85
CA LYS A 618 31.48 5.42 -10.39
C LYS A 618 32.50 5.65 -11.52
N GLU A 619 32.77 4.61 -12.28
CA GLU A 619 33.70 4.66 -13.42
C GLU A 619 33.20 5.57 -14.56
N ARG A 620 31.90 5.48 -14.86
CA ARG A 620 31.29 6.31 -15.90
C ARG A 620 31.31 7.79 -15.53
N LEU A 621 31.20 8.07 -14.24
CA LEU A 621 31.29 9.44 -13.73
C LEU A 621 32.69 10.03 -13.85
N GLY A 622 33.70 9.18 -13.75
CA GLY A 622 35.06 9.66 -13.62
C GLY A 622 35.22 10.38 -12.30
#